data_2CXK
#
_entry.id   2CXK
#
_cell.length_a   88.882
_cell.length_b   88.882
_cell.length_c   107.538
_cell.angle_alpha   90.00
_cell.angle_beta   90.00
_cell.angle_gamma   90.00
#
_symmetry.space_group_name_H-M   'P 42 21 2'
#
loop_
_entity.id
_entity.type
_entity.pdbx_description
1 polymer 'calmodulin binding transcription activator 1'
2 non-polymer 'SULFATE ION'
3 water water
#
_entity_poly.entity_id   1
_entity_poly.type   'polypeptide(L)'
_entity_poly.pdbx_seq_one_letter_code
;GSSGSSG(MSE)VTDYSPEWSYPEGGVKVLITGPWQEASNNYSCLFDQISVPASLIQPGVLRCYCPAHDTGLVTLQVAFN
NQIISNSVVFEYKSGPSSG
;
_entity_poly.pdbx_strand_id   A,B,C,D,E
#
# COMPACT_ATOMS: atom_id res chain seq x y z
N SER A 5 20.86 8.52 17.93
CA SER A 5 19.38 8.69 17.88
C SER A 5 18.91 9.34 16.58
N SER A 6 19.86 9.68 15.71
CA SER A 6 19.53 10.31 14.42
C SER A 6 19.27 9.20 13.39
N GLY A 7 18.32 9.44 12.49
CA GLY A 7 18.01 8.45 11.49
C GLY A 7 16.67 8.66 10.81
N VAL A 9 12.33 7.83 10.45
CA VAL A 9 11.04 7.47 11.02
C VAL A 9 10.62 6.14 10.42
N THR A 10 10.40 5.14 11.27
CA THR A 10 9.99 3.82 10.78
C THR A 10 8.47 3.72 10.62
N ASP A 11 7.74 4.44 11.46
CA ASP A 11 6.28 4.45 11.40
C ASP A 11 5.74 5.55 12.33
N TYR A 12 4.47 5.87 12.19
CA TYR A 12 3.82 6.88 13.01
C TYR A 12 2.32 6.65 12.91
N SER A 13 1.60 6.97 13.98
CA SER A 13 0.16 6.74 14.02
C SER A 13 -0.52 7.63 15.04
N PRO A 14 -1.65 8.27 14.66
CA PRO A 14 -2.29 8.19 13.35
C PRO A 14 -1.50 9.06 12.38
N GLU A 15 -1.88 9.02 11.10
CA GLU A 15 -1.22 9.82 10.07
C GLU A 15 -1.95 11.12 9.78
N TRP A 16 -2.99 11.41 10.56
CA TRP A 16 -3.79 12.61 10.33
C TRP A 16 -4.46 13.13 11.59
N SER A 17 -5.02 14.33 11.49
CA SER A 17 -5.73 14.98 12.60
C SER A 17 -6.71 16.00 12.04
N TYR A 18 -7.70 16.37 12.84
CA TYR A 18 -8.63 17.40 12.42
C TYR A 18 -7.89 18.71 12.67
N PRO A 19 -8.37 19.83 12.10
CA PRO A 19 -7.74 21.15 12.24
C PRO A 19 -7.41 21.63 13.65
N GLU A 20 -8.26 21.29 14.62
CA GLU A 20 -8.03 21.75 15.99
C GLU A 20 -6.82 21.08 16.65
N GLY A 21 -6.31 20.03 16.02
CA GLY A 21 -5.15 19.33 16.57
C GLY A 21 -5.50 18.65 17.89
N GLY A 22 -4.53 18.51 18.77
CA GLY A 22 -4.81 17.88 20.06
C GLY A 22 -5.00 16.37 19.97
N VAL A 23 -4.30 15.74 19.05
CA VAL A 23 -4.38 14.29 18.89
C VAL A 23 -3.02 13.67 19.20
N LYS A 24 -3.00 12.61 20.02
CA LYS A 24 -1.74 11.95 20.33
C LYS A 24 -1.19 11.26 19.09
N VAL A 25 0.10 11.42 18.85
CA VAL A 25 0.75 10.78 17.72
C VAL A 25 1.97 10.03 18.25
N LEU A 26 2.11 8.78 17.86
CA LEU A 26 3.29 8.00 18.26
C LEU A 26 4.18 7.97 17.03
N ILE A 27 5.47 8.17 17.22
CA ILE A 27 6.42 8.16 16.11
C ILE A 27 7.59 7.26 16.50
N THR A 28 7.86 6.27 15.68
CA THR A 28 8.91 5.33 15.98
C THR A 28 10.13 5.53 15.10
N GLY A 29 11.28 5.15 15.63
CA GLY A 29 12.52 5.29 14.92
C GLY A 29 13.67 4.93 15.83
N PRO A 30 14.89 5.38 15.52
CA PRO A 30 16.06 5.07 16.34
C PRO A 30 16.32 5.98 17.54
N TRP A 31 15.29 6.61 18.08
CA TRP A 31 15.49 7.51 19.22
C TRP A 31 15.90 6.73 20.47
N GLN A 32 17.02 7.13 21.07
CA GLN A 32 17.52 6.44 22.25
C GLN A 32 17.87 7.37 23.42
N GLU A 33 18.27 8.60 23.08
CA GLU A 33 18.66 9.59 24.10
C GLU A 33 17.79 9.54 25.35
N ALA A 34 18.40 9.81 26.50
CA ALA A 34 17.67 9.79 27.75
C ALA A 34 17.15 11.18 28.07
N SER A 35 17.92 12.20 27.70
CA SER A 35 17.55 13.58 27.95
C SER A 35 16.16 13.92 27.41
N ASN A 36 15.40 14.66 28.21
CA ASN A 36 14.05 15.08 27.86
C ASN A 36 14.03 16.31 26.95
N ASN A 37 14.71 16.24 25.80
CA ASN A 37 14.76 17.38 24.90
C ASN A 37 14.27 17.08 23.48
N TYR A 38 13.43 16.05 23.36
CA TYR A 38 12.87 15.70 22.06
C TYR A 38 11.67 16.57 21.76
N SER A 39 11.41 16.80 20.49
CA SER A 39 10.26 17.59 20.07
C SER A 39 9.87 17.12 18.68
N CYS A 40 8.66 17.45 18.27
CA CYS A 40 8.19 17.09 16.95
C CYS A 40 7.73 18.37 16.28
N LEU A 41 8.08 18.52 15.01
CA LEU A 41 7.70 19.73 14.28
C LEU A 41 6.71 19.38 13.19
N PHE A 42 5.54 20.00 13.25
CA PHE A 42 4.49 19.82 12.25
C PHE A 42 4.49 21.13 11.46
N ASP A 43 4.89 21.08 10.19
CA ASP A 43 4.96 22.28 9.38
C ASP A 43 5.74 23.35 10.16
N GLN A 44 6.85 22.92 10.75
CA GLN A 44 7.70 23.81 11.54
C GLN A 44 7.11 24.25 12.89
N ILE A 45 5.89 23.84 13.20
CA ILE A 45 5.31 24.21 14.49
C ILE A 45 5.76 23.15 15.49
N SER A 46 6.49 23.57 16.51
CA SER A 46 7.01 22.63 17.50
C SER A 46 6.13 22.31 18.69
N VAL A 47 6.15 21.04 19.09
CA VAL A 47 5.43 20.57 20.27
C VAL A 47 6.41 19.63 20.97
N PRO A 48 6.37 19.57 22.30
CA PRO A 48 7.28 18.68 23.01
C PRO A 48 6.96 17.22 22.74
N ALA A 49 7.95 16.35 22.90
CA ALA A 49 7.74 14.92 22.69
C ALA A 49 8.35 14.19 23.89
N SER A 50 7.78 13.03 24.22
CA SER A 50 8.28 12.23 25.32
C SER A 50 8.72 10.86 24.83
N LEU A 51 9.88 10.41 25.32
CA LEU A 51 10.39 9.10 24.94
C LEU A 51 9.68 8.07 25.81
N ILE A 52 8.63 7.45 25.27
CA ILE A 52 7.84 6.43 25.98
C ILE A 52 8.73 5.27 26.39
N GLN A 53 9.60 4.88 25.47
CA GLN A 53 10.55 3.81 25.68
C GLN A 53 11.48 3.92 24.49
N PRO A 54 12.63 3.24 24.54
CA PRO A 54 13.55 3.34 23.41
C PRO A 54 12.87 3.16 22.06
N GLY A 55 13.10 4.13 21.17
CA GLY A 55 12.54 4.06 19.83
C GLY A 55 11.12 4.56 19.66
N VAL A 56 10.49 5.00 20.74
CA VAL A 56 9.11 5.47 20.66
C VAL A 56 8.88 6.84 21.26
N LEU A 57 8.50 7.79 20.42
CA LEU A 57 8.21 9.15 20.89
C LEU A 57 6.70 9.41 20.83
N ARG A 58 6.21 10.16 21.81
CA ARG A 58 4.80 10.53 21.88
C ARG A 58 4.67 12.04 21.94
N CYS A 59 3.74 12.60 21.17
CA CYS A 59 3.50 14.03 21.23
C CYS A 59 2.02 14.23 20.92
N TYR A 60 1.52 15.44 21.15
CA TYR A 60 0.14 15.77 20.87
C TYR A 60 0.25 16.83 19.77
N CYS A 61 -0.27 16.52 18.59
CA CYS A 61 -0.12 17.44 17.48
C CYS A 61 -0.78 18.79 17.72
N PRO A 62 -0.24 19.85 17.10
CA PRO A 62 -0.77 21.22 17.23
C PRO A 62 -1.92 21.45 16.26
N ALA A 63 -2.61 22.57 16.41
CA ALA A 63 -3.70 22.90 15.51
C ALA A 63 -3.05 23.36 14.21
N HIS A 64 -3.75 23.19 13.08
CA HIS A 64 -3.20 23.60 11.79
C HIS A 64 -4.29 23.57 10.73
N ASP A 65 -4.15 24.39 9.69
CA ASP A 65 -5.13 24.41 8.61
C ASP A 65 -5.14 23.07 7.93
N THR A 66 -6.24 22.76 7.25
CA THR A 66 -6.33 21.50 6.54
C THR A 66 -5.26 21.52 5.47
N GLY A 67 -4.71 20.34 5.17
CA GLY A 67 -3.67 20.24 4.18
C GLY A 67 -2.58 19.30 4.64
N LEU A 68 -1.63 19.01 3.75
CA LEU A 68 -0.54 18.11 4.08
C LEU A 68 0.62 18.93 4.65
N VAL A 69 1.29 18.39 5.66
CA VAL A 69 2.41 19.10 6.26
C VAL A 69 3.55 18.14 6.55
N THR A 70 4.71 18.70 6.83
CA THR A 70 5.89 17.90 7.16
C THR A 70 5.84 17.57 8.65
N LEU A 71 6.30 16.38 9.00
CA LEU A 71 6.37 15.96 10.40
C LEU A 71 7.82 15.52 10.58
N GLN A 72 8.54 16.17 11.50
CA GLN A 72 9.93 15.85 11.75
C GLN A 72 10.21 15.69 13.24
N VAL A 73 11.23 14.91 13.58
CA VAL A 73 11.63 14.72 14.98
C VAL A 73 12.92 15.53 15.20
N ALA A 74 12.98 16.24 16.33
CA ALA A 74 14.14 17.04 16.66
C ALA A 74 14.60 16.76 18.08
N PHE A 75 15.88 17.04 18.35
CA PHE A 75 16.46 16.87 19.68
C PHE A 75 17.21 18.17 19.90
N ASN A 76 16.89 18.86 20.99
CA ASN A 76 17.50 20.17 21.29
C ASN A 76 17.24 21.10 20.11
N ASN A 77 16.04 20.94 19.54
CA ASN A 77 15.54 21.71 18.39
C ASN A 77 16.30 21.48 17.10
N GLN A 78 17.17 20.47 17.10
CA GLN A 78 17.91 20.14 15.89
C GLN A 78 17.19 18.98 15.21
N ILE A 79 16.82 19.15 13.94
CA ILE A 79 16.13 18.07 13.21
C ILE A 79 17.04 16.85 13.14
N ILE A 80 16.53 15.70 13.57
CA ILE A 80 17.31 14.46 13.55
C ILE A 80 16.65 13.32 12.78
N SER A 81 15.65 13.64 11.96
CA SER A 81 14.98 12.61 11.19
C SER A 81 14.59 13.14 9.82
N ASN A 82 14.06 12.25 8.98
CA ASN A 82 13.59 12.63 7.67
C ASN A 82 12.21 13.25 7.93
N SER A 83 11.58 13.81 6.89
CA SER A 83 10.25 14.39 7.04
C SER A 83 9.25 13.38 6.49
N VAL A 84 8.12 13.20 7.17
CA VAL A 84 7.08 12.30 6.68
C VAL A 84 5.80 13.11 6.58
N VAL A 85 4.90 12.70 5.71
CA VAL A 85 3.66 13.44 5.55
C VAL A 85 2.66 13.26 6.70
N PHE A 86 2.06 14.35 7.12
CA PHE A 86 1.03 14.30 8.16
C PHE A 86 -0.11 15.12 7.59
N GLU A 87 -1.32 14.62 7.70
CA GLU A 87 -2.45 15.33 7.13
C GLU A 87 -3.49 15.87 8.07
N TYR A 88 -3.85 17.13 7.88
CA TYR A 88 -4.90 17.75 8.65
C TYR A 88 -6.12 17.71 7.73
N LYS A 89 -7.11 16.92 8.12
CA LYS A 89 -8.33 16.77 7.33
C LYS A 89 -9.42 17.70 7.85
N SER A 90 -10.26 18.18 6.94
CA SER A 90 -11.36 19.06 7.30
C SER A 90 -12.27 18.43 8.35
N GLY A 91 -12.66 17.18 8.13
CA GLY A 91 -13.52 16.48 9.06
C GLY A 91 -14.78 17.21 9.52
N GLY B 7 4.60 -8.57 28.96
CA GLY B 7 4.50 -7.49 29.97
C GLY B 7 3.28 -6.63 29.75
N VAL B 9 1.30 -3.10 27.93
CA VAL B 9 1.23 -2.15 26.84
C VAL B 9 1.65 -0.80 27.39
N THR B 10 2.63 -0.17 26.76
CA THR B 10 3.08 1.14 27.24
C THR B 10 2.30 2.27 26.57
N ASP B 11 1.84 2.04 25.35
CA ASP B 11 1.04 3.04 24.63
C ASP B 11 0.49 2.41 23.37
N TYR B 12 -0.45 3.10 22.73
CA TYR B 12 -1.04 2.63 21.49
C TYR B 12 -1.75 3.79 20.83
N SER B 13 -1.81 3.78 19.51
CA SER B 13 -2.42 4.88 18.79
C SER B 13 -2.80 4.48 17.37
N PRO B 14 -4.00 4.88 16.91
CA PRO B 14 -4.98 5.66 17.66
C PRO B 14 -5.68 4.74 18.64
N GLU B 15 -6.58 5.30 19.45
CA GLU B 15 -7.29 4.51 20.45
C GLU B 15 -8.70 4.18 19.99
N TRP B 16 -9.05 4.59 18.77
CA TRP B 16 -10.39 4.33 18.27
C TRP B 16 -10.43 4.09 16.76
N SER B 17 -11.59 3.64 16.28
CA SER B 17 -11.80 3.36 14.88
C SER B 17 -13.29 3.44 14.58
N TYR B 18 -13.63 3.56 13.30
CA TYR B 18 -15.03 3.56 12.92
C TYR B 18 -15.38 2.09 12.81
N PRO B 19 -16.68 1.74 12.84
CA PRO B 19 -17.13 0.35 12.76
C PRO B 19 -16.55 -0.53 11.66
N GLU B 20 -16.27 0.04 10.49
CA GLU B 20 -15.73 -0.76 9.39
C GLU B 20 -14.31 -1.26 9.65
N GLY B 21 -13.65 -0.66 10.66
CA GLY B 21 -12.30 -1.07 10.96
C GLY B 21 -11.33 -0.68 9.86
N GLY B 22 -10.28 -1.46 9.67
CA GLY B 22 -9.32 -1.15 8.64
C GLY B 22 -8.45 0.06 8.97
N VAL B 23 -8.14 0.23 10.25
CA VAL B 23 -7.31 1.34 10.69
C VAL B 23 -5.99 0.84 11.27
N LYS B 24 -4.87 1.42 10.85
CA LYS B 24 -3.59 1.00 11.39
C LYS B 24 -3.48 1.41 12.85
N VAL B 25 -3.00 0.49 13.67
CA VAL B 25 -2.81 0.77 15.09
C VAL B 25 -1.40 0.35 15.49
N LEU B 26 -0.68 1.24 16.18
CA LEU B 26 0.65 0.89 16.65
C LEU B 26 0.48 0.62 18.14
N ILE B 27 1.08 -0.45 18.63
CA ILE B 27 1.00 -0.80 20.04
C ILE B 27 2.40 -1.06 20.54
N THR B 28 2.85 -0.24 21.49
CA THR B 28 4.20 -0.36 22.02
C THR B 28 4.23 -1.08 23.37
N GLY B 29 5.35 -1.74 23.63
CA GLY B 29 5.51 -2.49 24.86
C GLY B 29 6.81 -3.26 24.82
N PRO B 30 6.95 -4.30 25.64
CA PRO B 30 8.17 -5.11 25.69
C PRO B 30 8.32 -6.20 24.63
N TRP B 31 7.73 -5.99 23.45
CA TRP B 31 7.79 -6.98 22.36
C TRP B 31 9.20 -7.08 21.77
N GLN B 32 9.86 -8.22 21.97
CA GLN B 32 11.22 -8.42 21.46
C GLN B 32 11.36 -9.61 20.50
N GLU B 33 10.50 -10.60 20.68
CA GLU B 33 10.51 -11.81 19.85
C GLU B 33 10.91 -11.56 18.39
N ALA B 34 11.64 -12.50 17.81
CA ALA B 34 12.05 -12.39 16.41
C ALA B 34 11.02 -13.08 15.53
N SER B 35 10.49 -14.18 16.02
CA SER B 35 9.49 -14.96 15.29
C SER B 35 8.28 -14.12 14.89
N ASN B 36 7.81 -14.35 13.67
CA ASN B 36 6.65 -13.64 13.11
C ASN B 36 5.34 -14.27 13.58
N ASN B 37 5.09 -14.28 14.89
CA ASN B 37 3.86 -14.86 15.40
C ASN B 37 3.10 -13.98 16.36
N TYR B 38 3.23 -12.68 16.18
CA TYR B 38 2.52 -11.72 17.02
C TYR B 38 1.16 -11.48 16.41
N SER B 39 0.17 -11.18 17.25
CA SER B 39 -1.17 -10.88 16.79
C SER B 39 -1.80 -9.95 17.81
N CYS B 40 -2.92 -9.34 17.45
CA CYS B 40 -3.63 -8.46 18.36
C CYS B 40 -5.08 -8.92 18.41
N LEU B 41 -5.64 -8.93 19.61
CA LEU B 41 -7.02 -9.34 19.80
C LEU B 41 -7.90 -8.14 20.14
N PHE B 42 -8.91 -7.88 19.32
CA PHE B 42 -9.84 -6.79 19.57
C PHE B 42 -11.14 -7.49 19.96
N ASP B 43 -11.50 -7.44 21.23
CA ASP B 43 -12.70 -8.10 21.72
C ASP B 43 -12.68 -9.54 21.22
N GLN B 44 -11.56 -10.21 21.43
CA GLN B 44 -11.34 -11.60 21.03
C GLN B 44 -11.19 -11.86 19.52
N ILE B 45 -11.32 -10.83 18.69
CA ILE B 45 -11.14 -11.01 17.25
C ILE B 45 -9.64 -10.86 16.99
N SER B 46 -9.01 -11.88 16.42
CA SER B 46 -7.58 -11.83 16.17
C SER B 46 -7.20 -11.32 14.78
N VAL B 47 -6.15 -10.49 14.75
CA VAL B 47 -5.62 -9.96 13.50
C VAL B 47 -4.10 -10.08 13.61
N PRO B 48 -3.42 -10.36 12.51
CA PRO B 48 -1.96 -10.48 12.59
C PRO B 48 -1.33 -9.14 12.93
N ALA B 49 -0.12 -9.18 13.48
CA ALA B 49 0.59 -7.94 13.81
C ALA B 49 2.05 -8.16 13.39
N SER B 50 2.73 -7.07 13.01
CA SER B 50 4.12 -7.15 12.60
C SER B 50 5.00 -6.34 13.53
N LEU B 51 6.17 -6.88 13.87
CA LEU B 51 7.08 -6.16 14.73
C LEU B 51 7.87 -5.19 13.83
N ILE B 52 7.48 -3.92 13.85
CA ILE B 52 8.13 -2.89 13.03
C ILE B 52 9.60 -2.79 13.43
N GLN B 53 9.82 -2.84 14.73
CA GLN B 53 11.14 -2.80 15.34
C GLN B 53 10.92 -3.20 16.79
N PRO B 54 11.98 -3.56 17.52
CA PRO B 54 11.80 -3.95 18.91
C PRO B 54 10.86 -3.01 19.66
N GLY B 55 9.89 -3.58 20.36
CA GLY B 55 8.94 -2.81 21.15
C GLY B 55 7.79 -2.17 20.39
N VAL B 56 7.76 -2.35 19.09
CA VAL B 56 6.71 -1.73 18.29
C VAL B 56 5.97 -2.70 17.38
N LEU B 57 4.67 -2.84 17.63
CA LEU B 57 3.83 -3.72 16.81
C LEU B 57 2.83 -2.92 15.99
N ARG B 58 2.62 -3.34 14.76
CA ARG B 58 1.66 -2.69 13.88
C ARG B 58 0.61 -3.72 13.46
N CYS B 59 -0.65 -3.30 13.44
CA CYS B 59 -1.73 -4.18 13.00
C CYS B 59 -2.83 -3.29 12.42
N TYR B 60 -3.78 -3.90 11.73
CA TYR B 60 -4.90 -3.17 11.16
C TYR B 60 -6.12 -3.74 11.86
N CYS B 61 -6.83 -2.91 12.61
CA CYS B 61 -7.97 -3.38 13.38
C CYS B 61 -9.11 -3.94 12.54
N PRO B 62 -9.83 -4.93 13.08
CA PRO B 62 -10.95 -5.55 12.37
C PRO B 62 -12.20 -4.70 12.48
N ALA B 63 -13.21 -5.05 11.69
CA ALA B 63 -14.47 -4.33 11.75
C ALA B 63 -15.11 -4.77 13.06
N HIS B 64 -15.99 -3.95 13.59
CA HIS B 64 -16.66 -4.27 14.83
C HIS B 64 -17.80 -3.29 15.09
N ASP B 65 -18.82 -3.75 15.79
CA ASP B 65 -19.96 -2.90 16.09
C ASP B 65 -19.53 -1.82 17.06
N THR B 66 -20.20 -0.67 16.99
CA THR B 66 -19.89 0.46 17.84
C THR B 66 -19.80 0.05 19.31
N GLY B 67 -18.86 0.63 20.05
CA GLY B 67 -18.72 0.31 21.46
C GLY B 67 -17.28 0.10 21.91
N LEU B 68 -17.08 -0.09 23.21
CA LEU B 68 -15.76 -0.30 23.76
C LEU B 68 -15.40 -1.78 23.72
N VAL B 69 -14.13 -2.07 23.44
CA VAL B 69 -13.68 -3.45 23.39
C VAL B 69 -12.31 -3.54 24.04
N THR B 70 -11.88 -4.76 24.32
CA THR B 70 -10.56 -4.97 24.90
C THR B 70 -9.56 -5.15 23.76
N LEU B 71 -8.35 -4.68 23.99
CA LEU B 71 -7.30 -4.83 23.00
C LEU B 71 -6.16 -5.49 23.74
N GLN B 72 -5.69 -6.61 23.21
CA GLN B 72 -4.63 -7.36 23.84
C GLN B 72 -3.61 -7.80 22.80
N VAL B 73 -2.36 -8.01 23.24
CA VAL B 73 -1.30 -8.47 22.38
C VAL B 73 -1.05 -9.95 22.70
N ALA B 74 -0.85 -10.74 21.67
CA ALA B 74 -0.59 -12.17 21.85
C ALA B 74 0.58 -12.62 20.99
N PHE B 75 1.19 -13.72 21.39
CA PHE B 75 2.31 -14.30 20.66
C PHE B 75 2.02 -15.81 20.60
N ASN B 76 1.99 -16.35 19.40
CA ASN B 76 1.68 -17.77 19.21
C ASN B 76 0.26 -18.04 19.72
N ASN B 77 -0.60 -17.04 19.52
CA ASN B 77 -2.01 -17.07 19.90
C ASN B 77 -2.29 -17.08 21.38
N GLN B 78 -1.27 -16.82 22.18
CA GLN B 78 -1.45 -16.76 23.62
C GLN B 78 -1.23 -15.33 24.08
N ILE B 79 -2.22 -14.80 24.80
CA ILE B 79 -2.17 -13.42 25.29
C ILE B 79 -0.96 -13.20 26.19
N ILE B 80 -0.21 -12.14 25.89
CA ILE B 80 0.99 -11.81 26.65
C ILE B 80 0.98 -10.41 27.27
N SER B 81 -0.14 -9.70 27.16
CA SER B 81 -0.20 -8.36 27.72
C SER B 81 -1.47 -8.14 28.51
N ASN B 82 -1.58 -6.94 29.07
CA ASN B 82 -2.77 -6.55 29.81
C ASN B 82 -3.80 -6.16 28.75
N SER B 83 -4.99 -5.78 29.18
CA SER B 83 -6.03 -5.36 28.26
C SER B 83 -6.13 -3.84 28.33
N VAL B 84 -6.30 -3.21 27.17
CA VAL B 84 -6.46 -1.76 27.14
C VAL B 84 -7.70 -1.45 26.35
N VAL B 85 -8.34 -0.34 26.69
CA VAL B 85 -9.58 0.02 26.02
C VAL B 85 -9.37 0.56 24.60
N PHE B 86 -10.17 0.04 23.67
CA PHE B 86 -10.11 0.49 22.28
C PHE B 86 -11.57 0.73 21.92
N GLU B 87 -11.85 1.86 21.28
CA GLU B 87 -13.21 2.21 20.95
C GLU B 87 -13.61 2.32 19.49
N TYR B 88 -14.76 1.75 19.17
CA TYR B 88 -15.29 1.85 17.82
C TYR B 88 -16.38 2.90 17.92
N LYS B 89 -16.14 4.06 17.32
CA LYS B 89 -17.10 5.17 17.35
C LYS B 89 -18.07 5.11 16.19
N SER B 90 -19.34 5.35 16.49
CA SER B 90 -20.44 5.34 15.51
C SER B 90 -20.01 5.77 14.12
N GLY B 91 -19.56 7.02 13.99
CA GLY B 91 -19.14 7.52 12.70
C GLY B 91 -20.29 7.97 11.82
N GLY C 7 6.71 19.21 -2.20
CA GLY C 7 6.30 17.98 -2.93
C GLY C 7 6.59 16.73 -2.11
N VAL C 9 5.80 12.73 -0.53
CA VAL C 9 5.30 11.39 -0.79
C VAL C 9 4.10 11.17 0.13
N THR C 10 2.93 10.91 -0.44
CA THR C 10 1.76 10.69 0.40
C THR C 10 1.64 9.23 0.82
N ASP C 11 2.12 8.32 -0.02
CA ASP C 11 2.06 6.89 0.31
C ASP C 11 2.91 6.12 -0.71
N TYR C 12 3.22 4.87 -0.38
CA TYR C 12 4.00 4.01 -1.27
C TYR C 12 3.80 2.56 -0.88
N SER C 13 3.86 1.66 -1.85
CA SER C 13 3.65 0.25 -1.60
C SER C 13 4.30 -0.65 -2.65
N PRO C 14 5.00 -1.72 -2.22
CA PRO C 14 5.19 -2.11 -0.83
C PRO C 14 6.26 -1.20 -0.22
N GLU C 15 6.56 -1.40 1.06
CA GLU C 15 7.55 -0.57 1.75
C GLU C 15 8.87 -1.34 1.93
N TRP C 16 8.97 -2.52 1.34
CA TRP C 16 10.17 -3.32 1.49
C TRP C 16 10.43 -4.21 0.29
N SER C 17 11.61 -4.81 0.29
CA SER C 17 12.03 -5.70 -0.78
C SER C 17 13.14 -6.61 -0.27
N TYR C 18 13.37 -7.72 -0.95
CA TYR C 18 14.46 -8.59 -0.56
C TYR C 18 15.71 -7.98 -1.19
N PRO C 19 16.90 -8.42 -0.75
CA PRO C 19 18.17 -7.92 -1.26
C PRO C 19 18.35 -7.80 -2.77
N GLU C 20 17.83 -8.76 -3.53
CA GLU C 20 17.99 -8.72 -4.98
C GLU C 20 17.19 -7.61 -5.68
N GLY C 21 16.27 -6.99 -4.95
CA GLY C 21 15.47 -5.93 -5.52
C GLY C 21 14.54 -6.42 -6.63
N GLY C 22 14.31 -5.58 -7.64
CA GLY C 22 13.45 -5.97 -8.73
C GLY C 22 11.99 -6.07 -8.34
N VAL C 23 11.57 -5.23 -7.39
CA VAL C 23 10.18 -5.21 -6.93
C VAL C 23 9.48 -3.92 -7.37
N LYS C 24 8.30 -4.04 -7.94
CA LYS C 24 7.56 -2.86 -8.36
C LYS C 24 7.10 -2.07 -7.13
N VAL C 25 7.33 -0.76 -7.16
CA VAL C 25 6.91 0.11 -6.05
C VAL C 25 6.07 1.25 -6.62
N LEU C 26 4.88 1.45 -6.07
CA LEU C 26 4.03 2.56 -6.52
C LEU C 26 4.23 3.64 -5.46
N ILE C 27 4.45 4.87 -5.91
CA ILE C 27 4.66 5.98 -4.99
C ILE C 27 3.71 7.09 -5.35
N THR C 28 2.85 7.47 -4.41
CA THR C 28 1.88 8.53 -4.67
C THR C 28 2.35 9.88 -4.13
N GLY C 29 1.92 10.94 -4.79
CA GLY C 29 2.33 12.27 -4.38
C GLY C 29 1.75 13.32 -5.32
N PRO C 30 2.34 14.52 -5.36
CA PRO C 30 1.86 15.61 -6.22
C PRO C 30 2.38 15.58 -7.66
N TRP C 31 3.04 14.49 -8.04
CA TRP C 31 3.61 14.31 -9.37
C TRP C 31 2.64 14.64 -10.52
N GLN C 32 2.94 15.69 -11.28
CA GLN C 32 2.08 16.08 -12.38
C GLN C 32 2.83 16.28 -13.71
N GLU C 33 4.14 16.55 -13.62
CA GLU C 33 4.99 16.77 -14.80
C GLU C 33 4.64 15.83 -15.95
N ALA C 34 4.71 16.33 -17.17
CA ALA C 34 4.41 15.53 -18.35
C ALA C 34 5.68 14.88 -18.88
N SER C 35 6.79 15.62 -18.77
CA SER C 35 8.09 15.14 -19.22
C SER C 35 8.47 13.83 -18.55
N ASN C 36 9.02 12.90 -19.34
CA ASN C 36 9.43 11.59 -18.85
C ASN C 36 10.82 11.64 -18.21
N ASN C 37 10.96 12.43 -17.15
CA ASN C 37 12.24 12.58 -16.49
C ASN C 37 12.23 12.25 -14.99
N TYR C 38 11.27 11.43 -14.58
CA TYR C 38 11.18 11.02 -13.18
C TYR C 38 12.09 9.85 -12.88
N SER C 39 12.62 9.83 -11.67
CA SER C 39 13.48 8.75 -11.22
C SER C 39 13.29 8.61 -9.72
N CYS C 40 13.71 7.48 -9.16
CA CYS C 40 13.59 7.26 -7.74
C CYS C 40 14.94 6.79 -7.25
N LEU C 41 15.33 7.31 -6.09
CA LEU C 41 16.61 6.99 -5.49
C LEU C 41 16.44 6.18 -4.21
N PHE C 42 17.01 4.98 -4.21
CA PHE C 42 16.97 4.10 -3.06
C PHE C 42 18.40 4.14 -2.52
N ASP C 43 18.59 4.84 -1.41
CA ASP C 43 19.92 5.00 -0.82
C ASP C 43 20.84 5.52 -1.91
N GLN C 44 20.35 6.52 -2.63
CA GLN C 44 21.09 7.16 -3.70
C GLN C 44 21.22 6.36 -5.01
N ILE C 45 20.90 5.07 -4.98
CA ILE C 45 20.95 4.27 -6.20
C ILE C 45 19.73 4.68 -7.01
N SER C 46 19.96 5.21 -8.21
CA SER C 46 18.87 5.68 -9.05
C SER C 46 18.28 4.65 -10.02
N VAL C 47 16.96 4.71 -10.19
CA VAL C 47 16.23 3.84 -11.12
C VAL C 47 15.18 4.72 -11.78
N PRO C 48 14.86 4.46 -13.05
CA PRO C 48 13.85 5.26 -13.75
C PRO C 48 12.45 5.06 -13.19
N ALA C 49 11.58 6.04 -13.37
CA ALA C 49 10.21 5.93 -12.88
C ALA C 49 9.26 6.46 -13.95
N SER C 50 8.04 5.92 -13.97
CA SER C 50 7.04 6.34 -14.94
C SER C 50 5.81 6.86 -14.22
N LEU C 51 5.27 7.98 -14.70
CA LEU C 51 4.06 8.53 -14.10
C LEU C 51 2.91 7.77 -14.78
N ILE C 52 2.42 6.71 -14.14
CA ILE C 52 1.34 5.94 -14.77
C ILE C 52 0.01 6.68 -14.82
N GLN C 53 -0.14 7.68 -13.95
CA GLN C 53 -1.30 8.54 -13.94
C GLN C 53 -1.03 9.67 -12.96
N PRO C 54 -1.81 10.76 -13.02
CA PRO C 54 -1.61 11.90 -12.12
C PRO C 54 -1.33 11.50 -10.69
N GLY C 55 -0.19 11.94 -10.15
CA GLY C 55 0.14 11.64 -8.77
C GLY C 55 0.60 10.23 -8.46
N VAL C 56 0.80 9.40 -9.47
CA VAL C 56 1.25 8.02 -9.23
C VAL C 56 2.47 7.66 -10.07
N LEU C 57 3.57 7.37 -9.39
CA LEU C 57 4.80 6.98 -10.04
C LEU C 57 5.02 5.48 -9.84
N ARG C 58 5.62 4.83 -10.82
CA ARG C 58 5.92 3.41 -10.75
C ARG C 58 7.39 3.22 -11.10
N CYS C 59 8.09 2.43 -10.28
CA CYS C 59 9.48 2.14 -10.53
C CYS C 59 9.75 0.72 -10.03
N TYR C 60 10.91 0.19 -10.38
CA TYR C 60 11.29 -1.15 -9.95
C TYR C 60 12.55 -0.91 -9.14
N CYS C 61 12.51 -1.23 -7.86
CA CYS C 61 13.63 -0.98 -6.98
C CYS C 61 14.91 -1.74 -7.34
N PRO C 62 16.07 -1.16 -7.03
CA PRO C 62 17.38 -1.76 -7.31
C PRO C 62 17.72 -2.76 -6.23
N ALA C 63 18.76 -3.56 -6.47
CA ALA C 63 19.19 -4.53 -5.47
C ALA C 63 19.92 -3.74 -4.39
N HIS C 64 19.96 -4.27 -3.17
CA HIS C 64 20.65 -3.57 -2.09
C HIS C 64 20.82 -4.47 -0.89
N ASP C 65 21.86 -4.21 -0.09
CA ASP C 65 22.11 -5.01 1.09
C ASP C 65 21.00 -4.84 2.10
N THR C 66 20.79 -5.86 2.92
CA THR C 66 19.75 -5.82 3.94
C THR C 66 19.92 -4.56 4.77
N GLY C 67 18.80 -3.94 5.15
CA GLY C 67 18.83 -2.73 5.96
C GLY C 67 17.84 -1.66 5.54
N LEU C 68 17.74 -0.60 6.32
CA LEU C 68 16.83 0.50 6.01
C LEU C 68 17.55 1.53 5.16
N VAL C 69 16.87 2.03 4.13
CA VAL C 69 17.45 3.03 3.24
C VAL C 69 16.47 4.14 2.96
N THR C 70 16.95 5.21 2.36
CA THR C 70 16.08 6.32 2.03
C THR C 70 15.49 6.09 0.63
N LEU C 71 14.27 6.57 0.44
CA LEU C 71 13.59 6.48 -0.84
C LEU C 71 13.18 7.90 -1.16
N GLN C 72 13.64 8.41 -2.29
CA GLN C 72 13.33 9.77 -2.70
C GLN C 72 12.91 9.82 -4.16
N VAL C 73 12.12 10.83 -4.51
CA VAL C 73 11.68 11.02 -5.87
C VAL C 73 12.49 12.17 -6.45
N ALA C 74 12.92 12.01 -7.68
CA ALA C 74 13.71 13.05 -8.34
C ALA C 74 13.11 13.34 -9.70
N PHE C 75 13.41 14.51 -10.22
CA PHE C 75 12.93 14.93 -11.52
C PHE C 75 14.11 15.63 -12.17
N ASN C 76 14.56 15.11 -13.31
CA ASN C 76 15.71 15.66 -14.00
C ASN C 76 16.94 15.52 -13.13
N ASN C 77 17.01 14.40 -12.42
CA ASN C 77 18.13 14.07 -11.56
C ASN C 77 18.21 14.94 -10.31
N GLN C 78 17.19 15.76 -10.06
CA GLN C 78 17.18 16.59 -8.85
C GLN C 78 16.09 16.11 -7.89
N ILE C 79 16.50 15.75 -6.68
CA ILE C 79 15.57 15.29 -5.65
C ILE C 79 14.52 16.36 -5.39
N ILE C 80 13.24 16.00 -5.47
CA ILE C 80 12.16 16.94 -5.26
C ILE C 80 11.17 16.54 -4.17
N SER C 81 11.48 15.48 -3.42
CA SER C 81 10.57 15.02 -2.37
C SER C 81 11.35 14.81 -1.07
N ASN C 82 10.61 14.43 -0.03
CA ASN C 82 11.20 14.15 1.27
C ASN C 82 11.72 12.72 1.13
N SER C 83 12.39 12.23 2.15
CA SER C 83 12.88 10.85 2.12
C SER C 83 11.93 10.02 2.97
N VAL C 84 11.60 8.83 2.49
CA VAL C 84 10.73 7.93 3.24
C VAL C 84 11.51 6.64 3.42
N VAL C 85 11.27 5.95 4.51
CA VAL C 85 11.99 4.72 4.77
C VAL C 85 11.54 3.60 3.83
N PHE C 86 12.51 2.82 3.36
CA PHE C 86 12.24 1.67 2.52
C PHE C 86 13.18 0.62 3.07
N GLU C 87 12.67 -0.58 3.30
CA GLU C 87 13.48 -1.62 3.89
C GLU C 87 13.83 -2.80 3.03
N TYR C 88 15.10 -3.19 3.09
CA TYR C 88 15.55 -4.37 2.38
C TYR C 88 15.70 -5.43 3.46
N LYS C 89 14.85 -6.44 3.40
CA LYS C 89 14.86 -7.52 4.37
C LYS C 89 15.66 -8.68 3.81
N SER C 90 16.37 -9.38 4.69
CA SER C 90 17.19 -10.52 4.28
C SER C 90 16.37 -11.61 3.56
N GLY C 91 15.27 -12.03 4.18
CA GLY C 91 14.43 -13.05 3.58
C GLY C 91 15.15 -14.30 3.09
N GLY D 7 -14.57 1.58 -15.44
CA GLY D 7 -13.72 1.87 -14.24
C GLY D 7 -12.74 0.73 -13.98
N VAL D 9 -9.07 -1.18 -13.19
CA VAL D 9 -7.88 -1.08 -12.37
C VAL D 9 -6.70 -0.88 -13.32
N THR D 10 -5.93 0.18 -13.10
CA THR D 10 -4.78 0.44 -13.95
C THR D 10 -3.50 -0.19 -13.39
N ASP D 11 -3.43 -0.31 -12.07
CA ASP D 11 -2.26 -0.90 -11.43
C ASP D 11 -2.55 -1.14 -9.95
N TYR D 12 -1.75 -1.99 -9.32
CA TYR D 12 -1.91 -2.27 -7.90
C TYR D 12 -0.60 -2.83 -7.36
N SER D 13 -0.32 -2.61 -6.08
CA SER D 13 0.94 -3.05 -5.49
C SER D 13 0.88 -3.14 -3.98
N PRO D 14 1.35 -4.27 -3.42
CA PRO D 14 1.92 -5.43 -4.10
C PRO D 14 0.80 -6.26 -4.72
N GLU D 15 1.15 -7.28 -5.47
CA GLU D 15 0.14 -8.12 -6.10
C GLU D 15 0.00 -9.45 -5.36
N TRP D 16 0.61 -9.53 -4.18
CA TRP D 16 0.54 -10.76 -3.40
C TRP D 16 0.62 -10.51 -1.91
N SER D 17 0.37 -11.57 -1.14
CA SER D 17 0.42 -11.51 0.32
C SER D 17 0.56 -12.91 0.87
N TYR D 18 0.94 -13.02 2.14
CA TYR D 18 1.05 -14.33 2.76
C TYR D 18 -0.35 -14.64 3.28
N PRO D 19 -0.63 -15.92 3.59
CA PRO D 19 -1.95 -16.34 4.08
C PRO D 19 -2.59 -15.52 5.19
N GLU D 20 -1.78 -15.02 6.13
CA GLU D 20 -2.32 -14.23 7.23
C GLU D 20 -2.95 -12.92 6.77
N GLY D 21 -2.50 -12.40 5.63
CA GLY D 21 -3.04 -11.15 5.13
C GLY D 21 -2.48 -9.98 5.90
N GLY D 22 -3.28 -8.92 6.05
CA GLY D 22 -2.83 -7.76 6.78
C GLY D 22 -1.71 -7.00 6.07
N VAL D 23 -1.78 -6.93 4.75
CA VAL D 23 -0.77 -6.24 3.96
C VAL D 23 -1.41 -5.07 3.23
N LYS D 24 -0.80 -3.89 3.31
CA LYS D 24 -1.37 -2.74 2.62
C LYS D 24 -1.26 -2.92 1.11
N VAL D 25 -2.33 -2.57 0.40
CA VAL D 25 -2.33 -2.66 -1.05
C VAL D 25 -2.85 -1.35 -1.63
N LEU D 26 -2.14 -0.79 -2.60
CA LEU D 26 -2.60 0.44 -3.25
C LEU D 26 -3.13 0.03 -4.61
N ILE D 27 -4.31 0.54 -4.96
CA ILE D 27 -4.94 0.20 -6.23
C ILE D 27 -5.27 1.48 -6.97
N THR D 28 -4.75 1.63 -8.18
CA THR D 28 -4.99 2.83 -8.96
C THR D 28 -6.05 2.60 -10.03
N GLY D 29 -6.79 3.65 -10.34
CA GLY D 29 -7.83 3.56 -11.33
C GLY D 29 -8.54 4.90 -11.45
N PRO D 30 -9.75 4.91 -12.01
CA PRO D 30 -10.55 6.13 -12.20
C PRO D 30 -11.38 6.55 -10.98
N TRP D 31 -10.97 6.13 -9.79
CA TRP D 31 -11.69 6.45 -8.56
C TRP D 31 -11.67 7.95 -8.31
N GLN D 32 -12.81 8.61 -8.46
CA GLN D 32 -12.89 10.05 -8.23
C GLN D 32 -13.86 10.42 -7.11
N GLU D 33 -14.88 9.59 -6.92
CA GLU D 33 -15.90 9.81 -5.88
C GLU D 33 -15.32 10.43 -4.61
N ALA D 34 -16.11 11.29 -3.96
CA ALA D 34 -15.69 11.93 -2.73
C ALA D 34 -16.17 11.14 -1.51
N SER D 35 -17.37 10.59 -1.60
CA SER D 35 -17.94 9.81 -0.51
C SER D 35 -17.03 8.65 -0.13
N ASN D 36 -16.89 8.38 1.16
CA ASN D 36 -16.02 7.28 1.60
C ASN D 36 -16.79 5.96 1.69
N ASN D 37 -17.22 5.48 0.53
CA ASN D 37 -17.94 4.23 0.45
C ASN D 37 -17.24 3.22 -0.45
N TYR D 38 -15.93 3.37 -0.59
CA TYR D 38 -15.13 2.47 -1.41
C TYR D 38 -14.76 1.26 -0.57
N SER D 39 -14.60 0.13 -1.23
CA SER D 39 -14.23 -1.11 -0.56
C SER D 39 -13.56 -2.00 -1.60
N CYS D 40 -12.83 -3.00 -1.13
CA CYS D 40 -12.16 -3.92 -2.02
C CYS D 40 -12.54 -5.35 -1.68
N LEU D 41 -12.76 -6.15 -2.71
CA LEU D 41 -13.13 -7.53 -2.49
C LEU D 41 -12.06 -8.47 -2.96
N PHE D 42 -11.55 -9.27 -2.02
CA PHE D 42 -10.53 -10.28 -2.30
C PHE D 42 -11.26 -11.61 -2.25
N ASP D 43 -11.51 -12.20 -3.42
CA ASP D 43 -12.24 -13.45 -3.48
C ASP D 43 -13.54 -13.24 -2.70
N GLN D 44 -14.22 -12.14 -3.00
CA GLN D 44 -15.47 -11.81 -2.33
C GLN D 44 -15.35 -11.37 -0.86
N ILE D 45 -14.20 -11.59 -0.24
CA ILE D 45 -14.01 -11.16 1.15
C ILE D 45 -13.85 -9.65 1.11
N SER D 46 -14.74 -8.94 1.79
CA SER D 46 -14.72 -7.49 1.78
C SER D 46 -13.88 -6.82 2.86
N VAL D 47 -13.21 -5.73 2.48
CA VAL D 47 -12.40 -4.94 3.40
C VAL D 47 -12.65 -3.50 2.99
N PRO D 48 -12.61 -2.57 3.95
CA PRO D 48 -12.84 -1.18 3.57
C PRO D 48 -11.64 -0.64 2.80
N ALA D 49 -11.85 0.47 2.09
CA ALA D 49 -10.78 1.11 1.32
C ALA D 49 -10.90 2.62 1.46
N SER D 50 -9.77 3.31 1.43
CA SER D 50 -9.76 4.75 1.54
C SER D 50 -9.15 5.37 0.27
N LEU D 51 -9.77 6.43 -0.21
CA LEU D 51 -9.27 7.12 -1.38
C LEU D 51 -8.22 8.09 -0.83
N ILE D 52 -6.96 7.71 -0.84
CA ILE D 52 -5.93 8.58 -0.29
C ILE D 52 -5.70 9.83 -1.13
N GLN D 53 -6.06 9.73 -2.41
CA GLN D 53 -5.99 10.85 -3.33
C GLN D 53 -6.65 10.42 -4.64
N PRO D 54 -7.04 11.37 -5.49
CA PRO D 54 -7.70 11.06 -6.76
C PRO D 54 -7.10 9.86 -7.50
N GLY D 55 -7.93 8.86 -7.77
CA GLY D 55 -7.47 7.69 -8.49
C GLY D 55 -6.61 6.71 -7.72
N VAL D 56 -6.53 6.86 -6.39
CA VAL D 56 -5.72 5.94 -5.59
C VAL D 56 -6.44 5.44 -4.35
N LEU D 57 -6.66 4.14 -4.28
CA LEU D 57 -7.31 3.55 -3.12
C LEU D 57 -6.30 2.76 -2.30
N ARG D 58 -6.49 2.75 -0.99
CA ARG D 58 -5.63 2.00 -0.08
C ARG D 58 -6.49 1.08 0.78
N CYS D 59 -6.09 -0.19 0.89
CA CYS D 59 -6.81 -1.14 1.72
C CYS D 59 -5.81 -2.09 2.33
N TYR D 60 -6.26 -2.91 3.27
CA TYR D 60 -5.40 -3.89 3.92
C TYR D 60 -6.07 -5.20 3.58
N CYS D 61 -5.34 -6.07 2.90
CA CYS D 61 -5.91 -7.34 2.47
C CYS D 61 -6.24 -8.28 3.62
N PRO D 62 -7.31 -9.06 3.47
CA PRO D 62 -7.78 -10.02 4.48
C PRO D 62 -6.95 -11.30 4.41
N ALA D 63 -7.08 -12.14 5.43
CA ALA D 63 -6.35 -13.40 5.44
C ALA D 63 -7.03 -14.30 4.41
N HIS D 64 -6.31 -15.29 3.90
CA HIS D 64 -6.87 -16.20 2.92
C HIS D 64 -5.91 -17.34 2.65
N ASP D 65 -6.44 -18.49 2.26
CA ASP D 65 -5.60 -19.65 1.96
C ASP D 65 -4.73 -19.39 0.75
N THR D 66 -3.59 -20.06 0.69
CA THR D 66 -2.67 -19.91 -0.44
C THR D 66 -3.45 -20.14 -1.74
N GLY D 67 -3.11 -19.38 -2.78
CA GLY D 67 -3.80 -19.51 -4.05
C GLY D 67 -4.11 -18.18 -4.72
N LEU D 68 -4.62 -18.24 -5.95
CA LEU D 68 -4.97 -17.03 -6.69
C LEU D 68 -6.42 -16.66 -6.40
N VAL D 69 -6.69 -15.36 -6.34
CA VAL D 69 -8.05 -14.88 -6.08
C VAL D 69 -8.33 -13.63 -6.90
N THR D 70 -9.61 -13.25 -6.93
CA THR D 70 -10.00 -12.07 -7.65
C THR D 70 -9.89 -10.85 -6.74
N LEU D 71 -9.57 -9.71 -7.32
CA LEU D 71 -9.49 -8.47 -6.58
C LEU D 71 -10.34 -7.48 -7.37
N GLN D 72 -11.35 -6.92 -6.70
CA GLN D 72 -12.25 -5.99 -7.33
C GLN D 72 -12.47 -4.78 -6.44
N VAL D 73 -12.80 -3.65 -7.05
CA VAL D 73 -13.07 -2.41 -6.33
C VAL D 73 -14.57 -2.17 -6.37
N ALA D 74 -15.13 -1.77 -5.24
CA ALA D 74 -16.56 -1.51 -5.16
C ALA D 74 -16.84 -0.17 -4.50
N PHE D 75 -18.02 0.38 -4.82
CA PHE D 75 -18.44 1.65 -4.26
C PHE D 75 -19.88 1.43 -3.84
N ASN D 76 -20.15 1.58 -2.54
CA ASN D 76 -21.49 1.39 -2.01
C ASN D 76 -21.85 -0.09 -2.07
N ASN D 77 -20.82 -0.92 -1.92
CA ASN D 77 -21.00 -2.36 -1.92
C ASN D 77 -21.32 -2.94 -3.30
N GLN D 78 -21.22 -2.08 -4.31
CA GLN D 78 -21.48 -2.47 -5.69
C GLN D 78 -20.16 -2.46 -6.49
N ILE D 79 -19.80 -3.61 -7.06
CA ILE D 79 -18.57 -3.71 -7.84
C ILE D 79 -18.60 -2.75 -9.03
N ILE D 80 -17.52 -2.00 -9.19
CA ILE D 80 -17.42 -1.03 -10.28
C ILE D 80 -16.16 -1.20 -11.12
N SER D 81 -15.42 -2.27 -10.90
CA SER D 81 -14.20 -2.49 -11.66
C SER D 81 -14.16 -3.89 -12.25
N ASN D 82 -13.09 -4.16 -12.98
CA ASN D 82 -12.86 -5.47 -13.56
C ASN D 82 -12.25 -6.26 -12.42
N SER D 83 -11.88 -7.51 -12.68
CA SER D 83 -11.26 -8.33 -11.65
C SER D 83 -9.80 -8.50 -12.04
N VAL D 84 -8.90 -8.33 -11.08
CA VAL D 84 -7.48 -8.49 -11.36
C VAL D 84 -6.96 -9.57 -10.42
N VAL D 85 -5.96 -10.32 -10.87
CA VAL D 85 -5.42 -11.39 -10.06
C VAL D 85 -4.61 -10.89 -8.86
N PHE D 86 -4.78 -11.57 -7.73
CA PHE D 86 -4.05 -11.25 -6.50
C PHE D 86 -3.67 -12.61 -5.93
N GLU D 87 -2.42 -12.76 -5.51
CA GLU D 87 -1.97 -14.06 -5.02
C GLU D 87 -1.55 -14.16 -3.57
N TYR D 88 -2.03 -15.21 -2.91
CA TYR D 88 -1.65 -15.47 -1.53
C TYR D 88 -0.60 -16.58 -1.65
N LYS D 89 0.65 -16.24 -1.33
CA LYS D 89 1.76 -17.17 -1.41
C LYS D 89 2.04 -17.86 -0.09
N SER D 90 2.48 -19.11 -0.17
CA SER D 90 2.82 -19.90 1.01
C SER D 90 3.99 -19.24 1.76
N SER E 5 -8.91 -24.66 -18.67
CA SER E 5 -8.08 -23.55 -19.24
C SER E 5 -8.67 -22.17 -18.89
N SER E 6 -9.91 -22.17 -18.41
CA SER E 6 -10.58 -20.93 -18.03
C SER E 6 -10.01 -20.42 -16.71
N GLY E 7 -9.87 -19.10 -16.60
CA GLY E 7 -9.33 -18.54 -15.38
C GLY E 7 -8.88 -17.10 -15.46
N VAL E 9 -5.99 -14.04 -15.93
CA VAL E 9 -4.78 -13.67 -16.64
C VAL E 9 -3.77 -13.41 -15.50
N THR E 10 -2.60 -14.04 -15.55
CA THR E 10 -1.61 -13.82 -14.51
C THR E 10 -0.65 -12.69 -14.84
N ASP E 11 -0.42 -12.45 -16.13
CA ASP E 11 0.46 -11.37 -16.57
C ASP E 11 0.35 -11.22 -18.08
N TYR E 12 0.83 -10.08 -18.58
CA TYR E 12 0.83 -9.81 -20.01
C TYR E 12 1.88 -8.73 -20.30
N SER E 13 2.46 -8.79 -21.48
CA SER E 13 3.51 -7.85 -21.84
C SER E 13 3.71 -7.74 -23.36
N PRO E 14 3.82 -6.51 -23.89
CA PRO E 14 3.76 -5.26 -23.14
C PRO E 14 2.33 -4.96 -22.75
N GLU E 15 2.12 -3.92 -21.95
CA GLU E 15 0.79 -3.54 -21.49
C GLU E 15 0.22 -2.42 -22.35
N TRP E 16 0.93 -2.06 -23.42
CA TRP E 16 0.48 -0.98 -24.28
C TRP E 16 0.92 -1.15 -25.73
N SER E 17 0.33 -0.34 -26.60
CA SER E 17 0.64 -0.38 -28.02
C SER E 17 0.35 1.00 -28.62
N TYR E 18 0.96 1.29 -29.77
CA TYR E 18 0.70 2.56 -30.43
C TYR E 18 -0.62 2.34 -31.16
N PRO E 19 -1.29 3.44 -31.56
CA PRO E 19 -2.57 3.33 -32.26
C PRO E 19 -2.60 2.38 -33.45
N GLU E 20 -1.49 2.30 -34.18
CA GLU E 20 -1.39 1.44 -35.36
C GLU E 20 -1.51 -0.05 -35.03
N GLY E 21 -1.23 -0.41 -33.79
CA GLY E 21 -1.31 -1.81 -33.40
C GLY E 21 -0.20 -2.63 -34.03
N GLY E 22 -0.45 -3.91 -34.26
CA GLY E 22 0.57 -4.76 -34.86
C GLY E 22 1.76 -5.01 -33.94
N VAL E 23 1.47 -5.10 -32.65
CA VAL E 23 2.52 -5.34 -31.65
C VAL E 23 2.29 -6.71 -30.99
N LYS E 24 3.35 -7.49 -30.84
CA LYS E 24 3.21 -8.79 -30.20
C LYS E 24 2.93 -8.63 -28.72
N VAL E 25 1.96 -9.39 -28.22
CA VAL E 25 1.63 -9.34 -26.81
C VAL E 25 1.54 -10.77 -26.30
N LEU E 26 2.23 -11.05 -25.19
CA LEU E 26 2.16 -12.38 -24.59
C LEU E 26 1.21 -12.25 -23.40
N ILE E 27 0.33 -13.23 -23.24
CA ILE E 27 -0.62 -13.21 -22.13
C ILE E 27 -0.55 -14.57 -21.45
N THR E 28 -0.29 -14.58 -20.16
CA THR E 28 -0.16 -15.82 -19.43
C THR E 28 -1.37 -16.07 -18.53
N GLY E 29 -1.62 -17.35 -18.28
CA GLY E 29 -2.73 -17.74 -17.46
C GLY E 29 -2.82 -19.25 -17.40
N PRO E 30 -4.02 -19.79 -17.14
CA PRO E 30 -4.24 -21.24 -17.05
C PRO E 30 -4.55 -21.92 -18.39
N TRP E 31 -4.17 -21.29 -19.49
CA TRP E 31 -4.43 -21.83 -20.83
C TRP E 31 -3.77 -23.19 -21.02
N GLN E 32 -4.58 -24.24 -21.14
CA GLN E 32 -4.02 -25.59 -21.31
C GLN E 32 -4.38 -26.21 -22.66
N GLU E 33 -5.60 -25.94 -23.12
CA GLU E 33 -6.12 -26.48 -24.38
C GLU E 33 -5.04 -26.70 -25.44
N ALA E 34 -5.15 -27.80 -26.16
CA ALA E 34 -4.18 -28.12 -27.20
C ALA E 34 -4.67 -27.54 -28.52
N SER E 35 -5.97 -27.57 -28.72
CA SER E 35 -6.61 -27.06 -29.93
C SER E 35 -6.18 -25.62 -30.22
N ASN E 36 -5.92 -25.33 -31.48
CA ASN E 36 -5.50 -24.00 -31.91
C ASN E 36 -6.69 -23.09 -32.17
N ASN E 37 -7.49 -22.83 -31.14
CA ASN E 37 -8.67 -21.97 -31.28
C ASN E 37 -8.78 -20.85 -30.25
N TYR E 38 -7.63 -20.39 -29.78
CA TYR E 38 -7.60 -19.29 -28.82
C TYR E 38 -7.62 -17.96 -29.57
N SER E 39 -8.09 -16.92 -28.89
CA SER E 39 -8.14 -15.59 -29.48
C SER E 39 -8.08 -14.57 -28.36
N CYS E 40 -7.78 -13.32 -28.70
CA CYS E 40 -7.72 -12.24 -27.73
C CYS E 40 -8.60 -11.10 -28.21
N LEU E 41 -9.35 -10.49 -27.29
CA LEU E 41 -10.22 -9.40 -27.65
C LEU E 41 -9.73 -8.10 -27.02
N PHE E 42 -9.48 -7.10 -27.85
CA PHE E 42 -9.04 -5.80 -27.37
C PHE E 42 -10.22 -4.87 -27.62
N ASP E 43 -10.92 -4.49 -26.55
CA ASP E 43 -12.11 -3.66 -26.68
C ASP E 43 -13.03 -4.39 -27.65
N GLN E 44 -13.19 -5.69 -27.40
CA GLN E 44 -14.03 -6.57 -28.23
C GLN E 44 -13.56 -6.85 -29.66
N ILE E 45 -12.44 -6.24 -30.07
CA ILE E 45 -11.89 -6.48 -31.40
C ILE E 45 -11.10 -7.78 -31.28
N SER E 46 -11.49 -8.80 -32.05
CA SER E 46 -10.83 -10.09 -31.97
C SER E 46 -9.62 -10.30 -32.89
N VAL E 47 -8.57 -10.90 -32.34
CA VAL E 47 -7.37 -11.25 -33.11
C VAL E 47 -7.04 -12.67 -32.68
N PRO E 48 -6.52 -13.49 -33.60
CA PRO E 48 -6.19 -14.86 -33.21
C PRO E 48 -5.01 -14.91 -32.24
N ALA E 49 -4.88 -16.02 -31.53
CA ALA E 49 -3.79 -16.19 -30.58
C ALA E 49 -3.23 -17.60 -30.70
N SER E 50 -1.93 -17.73 -30.46
CA SER E 50 -1.26 -19.02 -30.55
C SER E 50 -0.74 -19.44 -29.19
N LEU E 51 -0.95 -20.70 -28.83
CA LEU E 51 -0.46 -21.21 -27.56
C LEU E 51 1.01 -21.60 -27.77
N ILE E 52 1.90 -20.73 -27.31
CA ILE E 52 3.34 -20.96 -27.41
C ILE E 52 3.70 -22.23 -26.68
N GLN E 53 3.12 -22.36 -25.49
CA GLN E 53 3.31 -23.51 -24.62
C GLN E 53 2.20 -23.40 -23.58
N PRO E 54 1.96 -24.47 -22.82
CA PRO E 54 0.90 -24.39 -21.82
C PRO E 54 1.04 -23.14 -20.94
N GLY E 55 -0.06 -22.41 -20.82
CA GLY E 55 -0.08 -21.21 -20.01
C GLY E 55 0.40 -19.95 -20.71
N VAL E 56 0.84 -20.08 -21.95
CA VAL E 56 1.35 -18.91 -22.68
C VAL E 56 0.70 -18.72 -24.04
N LEU E 57 0.04 -17.58 -24.20
CA LEU E 57 -0.60 -17.23 -25.46
C LEU E 57 0.10 -16.03 -26.09
N ARG E 58 0.21 -16.03 -27.41
CA ARG E 58 0.83 -14.94 -28.15
C ARG E 58 -0.16 -14.41 -29.18
N CYS E 59 -0.24 -13.09 -29.30
CA CYS E 59 -1.12 -12.49 -30.28
C CYS E 59 -0.51 -11.17 -30.73
N TYR E 60 -1.06 -10.59 -31.79
CA TYR E 60 -0.59 -9.31 -32.29
C TYR E 60 -1.80 -8.40 -32.19
N CYS E 61 -1.73 -7.42 -31.30
CA CYS E 61 -2.86 -6.54 -31.08
C CYS E 61 -3.32 -5.78 -32.31
N PRO E 62 -4.62 -5.45 -32.37
CA PRO E 62 -5.18 -4.71 -33.50
C PRO E 62 -4.95 -3.21 -33.33
N ALA E 63 -5.24 -2.45 -34.37
CA ALA E 63 -5.10 -1.01 -34.31
C ALA E 63 -6.26 -0.52 -33.46
N HIS E 64 -6.09 0.62 -32.83
CA HIS E 64 -7.15 1.18 -32.00
C HIS E 64 -6.83 2.61 -31.63
N ASP E 65 -7.86 3.42 -31.40
CA ASP E 65 -7.66 4.81 -31.03
C ASP E 65 -7.05 4.87 -29.66
N THR E 66 -6.33 5.96 -29.39
CA THR E 66 -5.68 6.16 -28.11
C THR E 66 -6.70 5.99 -26.99
N GLY E 67 -6.25 5.45 -25.85
CA GLY E 67 -7.15 5.24 -24.73
C GLY E 67 -6.98 3.87 -24.08
N LEU E 68 -7.69 3.65 -22.99
CA LEU E 68 -7.63 2.38 -22.28
C LEU E 68 -8.72 1.46 -22.82
N VAL E 69 -8.40 0.18 -22.93
CA VAL E 69 -9.37 -0.78 -23.43
C VAL E 69 -9.29 -2.07 -22.63
N THR E 70 -10.29 -2.93 -22.80
CA THR E 70 -10.32 -4.20 -22.12
C THR E 70 -9.57 -5.24 -22.95
N LEU E 71 -8.89 -6.15 -22.27
CA LEU E 71 -8.16 -7.21 -22.95
C LEU E 71 -8.66 -8.51 -22.31
N GLN E 72 -9.19 -9.40 -23.13
CA GLN E 72 -9.72 -10.67 -22.65
C GLN E 72 -9.26 -11.84 -23.53
N VAL E 73 -9.20 -13.03 -22.93
CA VAL E 73 -8.80 -14.24 -23.64
C VAL E 73 -10.04 -15.09 -23.92
N ALA E 74 -10.16 -15.59 -25.15
CA ALA E 74 -11.30 -16.42 -25.52
C ALA E 74 -10.87 -17.74 -26.15
N PHE E 75 -11.78 -18.71 -26.12
CA PHE E 75 -11.53 -20.00 -26.71
C PHE E 75 -12.82 -20.33 -27.46
N ASN E 76 -12.67 -20.62 -28.74
CA ASN E 76 -13.81 -20.91 -29.60
C ASN E 76 -14.78 -19.73 -29.57
N ASN E 77 -14.20 -18.53 -29.51
CA ASN E 77 -14.96 -17.29 -29.51
C ASN E 77 -15.77 -17.00 -28.26
N GLN E 78 -15.54 -17.76 -27.19
CA GLN E 78 -16.23 -17.52 -25.92
C GLN E 78 -15.17 -17.08 -24.91
N ILE E 79 -15.37 -15.89 -24.33
CA ILE E 79 -14.42 -15.38 -23.36
C ILE E 79 -14.27 -16.30 -22.16
N ILE E 80 -13.02 -16.62 -21.83
CA ILE E 80 -12.72 -17.53 -20.72
C ILE E 80 -11.86 -16.89 -19.63
N SER E 81 -11.62 -15.59 -19.72
CA SER E 81 -10.77 -14.94 -18.71
C SER E 81 -11.41 -13.68 -18.17
N ASN E 82 -10.73 -13.06 -17.22
CA ASN E 82 -11.19 -11.80 -16.65
C ASN E 82 -10.76 -10.76 -17.68
N SER E 83 -11.05 -9.49 -17.42
CA SER E 83 -10.65 -8.41 -18.32
C SER E 83 -9.50 -7.67 -17.64
N VAL E 84 -8.49 -7.33 -18.41
CA VAL E 84 -7.35 -6.58 -17.86
C VAL E 84 -7.16 -5.36 -18.73
N VAL E 85 -6.62 -4.29 -18.15
CA VAL E 85 -6.44 -3.07 -18.90
C VAL E 85 -5.26 -3.13 -19.86
N PHE E 86 -5.48 -2.59 -21.06
CA PHE E 86 -4.44 -2.52 -22.08
C PHE E 86 -4.54 -1.11 -22.62
N GLU E 87 -3.42 -0.44 -22.77
CA GLU E 87 -3.44 0.93 -23.23
C GLU E 87 -2.82 1.25 -24.58
N TYR E 88 -3.55 2.02 -25.36
CA TYR E 88 -3.08 2.45 -26.67
C TYR E 88 -2.58 3.89 -26.46
N LYS E 89 -1.28 4.09 -26.63
CA LYS E 89 -0.63 5.40 -26.46
C LYS E 89 -0.26 6.02 -27.81
N SER E 90 -0.28 7.35 -27.87
CA SER E 90 0.06 8.05 -29.11
C SER E 90 1.57 8.04 -29.38
#